data_7EY4
#
_entry.id   7EY4
#
_cell.length_a   1.00
_cell.length_b   1.00
_cell.length_c   1.00
_cell.angle_alpha   90.00
_cell.angle_beta   90.00
_cell.angle_gamma   90.00
#
_symmetry.space_group_name_H-M   'P 1'
#
loop_
_entity.id
_entity.type
_entity.pdbx_description
1 polymer 'BD-667 L'
2 polymer 'BD-667 H'
3 polymer 'Spike glycoprotein'
4 polymer 'Spike glycoprotein'
5 branched beta-D-mannopyranose-(1-4)-2-acetamido-2-deoxy-beta-D-glucopyranose-(1-4)-2-acetamido-2-deoxy-beta-D-glucopyranose
#
loop_
_entity_poly.entity_id
_entity_poly.type
_entity_poly.pdbx_seq_one_letter_code
_entity_poly.pdbx_strand_id
1 'polypeptide(L)'
;EIVMTQSPATLSVSPGERATLSCRASQSVSRNLAWYQQRPGQAPRLLIYGASTRATGVAARFTGSGFGTEFTLTISGLQS
EDFAVYYCQEYNNWPPWTFGQGTKVEIKRTVAAPSVFIFPPSDEQLKSGTASVVCLLNNFYPREAKVQWKVDNALQSGNS
QESVTEQDSKDSTYSLSSTLTLSKADYEKHKVYACEVTHQGLSSPVTKSFNRGEC
;
L
2 'polypeptide(L)'
;QVQLVESGGGLVKPGGSLRLSCAASGFRFSDYYMNWIRQAPGKGLEWISYIGSGGFATYYGDSVKGRFTVSRDDAENSLY
LQMNSLRAEDTAVYYCARGVTSYSDNSGNYRTDDAFDIWGQGTMVTVSSASTKGPSVFPLAPSSKSTSGGTAALGCLVKD
YFPEPVTVSWNSGALTSGVHTFPAVLQSSGLYSLSSVVTVPSSSLGTQTYICNVNHKPSNTKVDKKVEPKSCDKHHHHHH
;
H
3 'polypeptide(L)'
;MFVFLVLLPLVSSQCVNFTTRTQLPPAYTNSFTRGVYYPDKVFRSSVLHSTQDLFLPFFSNVTWFHAIHVSGTNGTKRFA
NPVLPFNDGVYFASTEKSNIIRGWIFGTTLDSKTQSLLIVNNATNVVIKVCEFQFCNDPFLGVYYHKNNKSWMESEFRVY
SSANNCTFEYVSQPFLMDLEGKQGNFKNLREFVFKNIDGYFKIYSKHTPINLVRGLPQGFSALEPLVDLPIGINITRFQT
LHRSYLTPGDSSSGWTAGAAAYYVGYLQPRTFLLKYNENGTITDAVDCALDPLSETKCTLKSFTVEKGIYQTSNFRVQPT
ESIVRFPNITNLCPFGEVFNATRFASVYAWNRKRISNCVADYSVLYNSASFSTFKCYGVSPTKLNDLCFTNVYADSFVIR
GDEVRQIAPGQTGNIADYNYKLPDDFTGCVIAWNSNNLDSKVGGNYNYLYRLFRKSNLKPFERDISTEIYQAGSTPCNGV
KGFNCYFPLQSYGFQPTYGVGYQPYRVVVLSFELLHAPATVCGPKKSTNLVKNKCVNFNFNGLTGTGVLTESNKKFLPFQ
QFGRDIADTTDAVRDPQTLEILDITPCSFGGVSVITPGTNTSNQVAVLYQGVNCTEVPVAIHADQLTPTWRVYSTGSNVF
QTRAGCLIGAEHVNNSYECDIPIGAGICASYQTQTNSPGSASSVASQSIIAYTMSLGVENSVAYSNNSIAIPTNFTISVT
TEILPVSMTKTSVDCTMYICGDSTECSNLLLQYGSFCTQLNRALTGIAVEQDKNTQEVFAQVKQIYKTPPIKDFGGFNFS
QILPDPSKPSKRSPIEDLLFNKVTLADAGFIKQYGDCLGDIAARDLICAQKFNGLTVLPPLLTDEMIAQYTSALLAGTIT
SGWTFGAGPALQIPFPMQMAYRFNGIGVTQNVLYENQKLIANQFNSAIGKIQDSLSSTPSALGKLQDVVNQNAQALNTLV
KQLSSNFGAISSVLNDILSRLDPPEAEVQIDRLITGRLQSLQTYVTQQLIRAAEIRASANLAATKMSECVLGQSKRVDFC
GKGYHLMSFPQSAPHGVVFLHVTYVPAQEKNFTTAPAICHDGKAHFPREGVFVSNGTHWFVTQRNFYEPQIITTDNTFVS
GNCDVVIGIVNNTVYDPLQPELDSFKEELDKYFKNHTSPDVDLGDISGINASVVNIQKEIDRLNEVAKNLNESLIDLQEL
GKYEQGSGYIPEAPRDGQAYVRKDGEWVLLSTFLGRSLEVLFQGPGHHHHHHHHSAWSHPQFEKGGGSGGGGSGGSAWSH
PQFEK
;
R
4 'polypeptide(L)'
;MFVFLVLLPLVSSQCVNFTTRTQLPPAYTNSFTRGVYYPDKVFRSSVLHSTQDLFLPFFSNVTWFHAIHVSGTNGTKRFA
NPVLPFNDGVYFASTEKSNIIRGWIFGTTLDSKTQSLLIVNNATNVVIKVCEFQFCNDPFLGVYYHKNNKSWMESEFRVY
SSANNCTFEYVSQPFLMDLEGKQGNFKNLREFVFKNIDGYFKIYSKHTPINLVRGLPQGFSALEPLVDLPIGINITRFQT
LHRSYLTPGDSSSGWTAGAAAYYVGYLQPRTFLLKYNENGTITDAVD
;
N
#
# COMPACT_ATOMS: atom_id res chain seq x y z
N GLU A 1 5.16 24.40 0.66
CA GLU A 1 6.52 24.48 1.21
C GLU A 1 6.60 23.76 2.53
N ILE A 2 6.84 22.46 2.48
CA ILE A 2 6.95 21.61 3.65
C ILE A 2 8.43 21.36 3.89
N VAL A 3 9.00 22.07 4.86
CA VAL A 3 10.43 22.00 5.12
C VAL A 3 10.72 20.70 5.88
N MET A 4 11.52 19.83 5.27
CA MET A 4 11.90 18.58 5.89
C MET A 4 13.30 18.69 6.48
N THR A 5 13.45 18.20 7.70
CA THR A 5 14.76 18.15 8.36
C THR A 5 14.98 16.76 8.91
N GLN A 6 16.17 16.22 8.70
CA GLN A 6 16.52 14.89 9.21
C GLN A 6 17.22 15.01 10.55
N SER A 7 18.38 15.63 10.54
CA SER A 7 19.18 16.04 11.69
C SER A 7 19.60 14.97 12.69
N PRO A 8 20.04 13.79 12.25
CA PRO A 8 21.26 13.24 12.83
C PRO A 8 22.44 13.62 11.94
N ALA A 9 23.44 14.25 12.55
CA ALA A 9 24.46 14.89 11.74
C ALA A 9 25.28 13.87 10.95
N THR A 10 26.00 12.99 11.64
CA THR A 10 26.79 11.95 11.00
C THR A 10 26.68 10.71 11.87
N LEU A 11 25.88 9.75 11.43
CA LEU A 11 25.75 8.50 12.18
C LEU A 11 27.05 7.71 12.13
N SER A 12 27.48 7.21 13.28
CA SER A 12 28.78 6.55 13.43
C SER A 12 28.54 5.21 14.13
N VAL A 13 28.36 4.15 13.34
CA VAL A 13 28.03 2.83 13.86
C VAL A 13 28.94 1.80 13.23
N SER A 14 29.34 0.80 14.02
CA SER A 14 30.15 -0.30 13.54
C SER A 14 29.27 -1.32 12.80
N PRO A 15 29.87 -2.15 11.95
CA PRO A 15 29.08 -3.15 11.22
C PRO A 15 28.46 -4.18 12.16
N GLY A 16 27.32 -4.72 11.72
CA GLY A 16 26.58 -5.68 12.50
C GLY A 16 25.63 -5.09 13.52
N GLU A 17 25.42 -3.79 13.51
CA GLU A 17 24.60 -3.11 14.49
C GLU A 17 23.30 -2.64 13.84
N ARG A 18 22.29 -2.38 14.68
CA ARG A 18 20.95 -2.01 14.23
C ARG A 18 20.74 -0.52 14.47
N ALA A 19 20.83 0.27 13.40
CA ALA A 19 20.77 1.72 13.50
C ALA A 19 19.44 2.26 12.99
N THR A 20 19.07 3.44 13.49
CA THR A 20 17.82 4.09 13.12
C THR A 20 18.10 5.49 12.61
N LEU A 21 17.20 5.99 11.75
CA LEU A 21 17.33 7.31 11.15
C LEU A 21 16.01 8.07 11.30
N SER A 22 16.11 9.39 11.36
CA SER A 22 14.97 10.25 11.65
C SER A 22 14.74 11.25 10.53
N CYS A 23 13.47 11.46 10.19
CA CYS A 23 13.10 12.43 9.16
C CYS A 23 11.81 13.10 9.62
N ARG A 24 11.93 14.33 10.11
CA ARG A 24 10.83 15.06 10.73
C ARG A 24 10.29 16.10 9.78
N ALA A 25 8.98 16.05 9.51
CA ALA A 25 8.33 16.99 8.61
C ALA A 25 7.67 18.10 9.40
N SER A 26 7.60 19.29 8.80
CA SER A 26 6.98 20.42 9.48
C SER A 26 5.46 20.33 9.49
N GLN A 27 4.88 19.71 8.48
CA GLN A 27 3.43 19.59 8.34
C GLN A 27 3.03 18.13 8.34
N SER A 28 1.76 17.88 8.00
CA SER A 28 1.24 16.52 7.94
C SER A 28 1.17 16.07 6.49
N VAL A 29 1.89 15.01 6.17
CA VAL A 29 1.83 14.40 4.84
C VAL A 29 1.20 13.03 5.01
N SER A 30 1.62 12.32 6.06
CA SER A 30 0.90 11.24 6.70
C SER A 30 0.90 9.90 5.99
N ARG A 31 1.22 9.86 4.72
CA ARG A 31 1.57 8.58 4.13
C ARG A 31 2.54 8.72 2.97
N ASN A 32 2.98 9.92 2.64
CA ASN A 32 3.67 10.18 1.39
C ASN A 32 5.11 10.56 1.72
N LEU A 33 5.99 9.57 1.71
CA LEU A 33 7.40 9.82 1.95
C LEU A 33 8.19 8.67 1.34
N ALA A 34 9.42 8.96 0.93
CA ALA A 34 10.28 7.98 0.30
C ALA A 34 11.68 8.06 0.87
N TRP A 35 12.41 6.95 0.79
CA TRP A 35 13.78 6.86 1.31
C TRP A 35 14.71 6.40 0.20
N TYR A 36 15.80 7.14 0.00
CA TYR A 36 16.75 6.84 -1.07
C TYR A 36 18.14 6.60 -0.50
N GLN A 37 18.86 5.66 -1.08
CA GLN A 37 20.23 5.35 -0.72
C GLN A 37 21.13 5.68 -1.90
N GLN A 38 22.14 6.51 -1.65
CA GLN A 38 22.96 7.06 -2.74
C GLN A 38 24.42 6.77 -2.43
N ARG A 39 24.88 5.58 -2.84
CA ARG A 39 26.26 5.22 -2.63
C ARG A 39 27.18 6.17 -3.39
N PRO A 40 28.27 6.63 -2.77
CA PRO A 40 29.13 7.63 -3.42
C PRO A 40 29.61 7.18 -4.79
N GLY A 41 29.39 8.02 -5.79
CA GLY A 41 29.73 7.73 -7.16
C GLY A 41 28.64 7.08 -7.98
N GLN A 42 27.56 6.62 -7.35
CA GLN A 42 26.46 5.95 -8.03
C GLN A 42 25.25 6.87 -8.13
N ALA A 43 24.28 6.43 -8.90
CA ALA A 43 22.97 7.06 -8.90
C ALA A 43 22.15 6.56 -7.72
N PRO A 44 21.23 7.36 -7.21
CA PRO A 44 20.43 6.92 -6.05
C PRO A 44 19.58 5.70 -6.34
N ARG A 45 18.87 5.22 -5.33
CA ARG A 45 18.05 4.02 -5.46
C ARG A 45 16.89 4.12 -4.48
N LEU A 46 15.72 3.65 -4.91
CA LEU A 46 14.53 3.74 -4.08
C LEU A 46 14.45 2.56 -3.13
N LEU A 47 14.21 2.82 -1.85
CA LEU A 47 14.04 1.78 -0.85
C LEU A 47 12.60 1.67 -0.37
N ILE A 48 12.04 2.74 0.17
CA ILE A 48 10.71 2.75 0.76
C ILE A 48 9.88 3.82 0.08
N TYR A 49 8.67 3.45 -0.32
CA TYR A 49 7.68 4.42 -0.76
C TYR A 49 6.35 4.12 -0.08
N GLY A 50 5.63 5.18 0.27
CA GLY A 50 4.48 5.02 1.14
C GLY A 50 4.82 4.97 2.60
N ALA A 51 6.09 5.20 2.94
CA ALA A 51 6.61 5.26 4.31
C ALA A 51 6.69 3.89 4.98
N SER A 52 6.14 2.86 4.34
CA SER A 52 6.26 1.51 4.91
C SER A 52 6.52 0.42 3.90
N THR A 53 6.18 0.58 2.62
CA THR A 53 6.32 -0.48 1.64
C THR A 53 7.74 -0.48 1.08
N ARG A 54 8.31 -1.67 0.91
CA ARG A 54 9.64 -1.77 0.34
C ARG A 54 9.57 -1.80 -1.18
N ALA A 55 10.69 -1.44 -1.81
CA ALA A 55 10.79 -1.45 -3.25
C ALA A 55 10.93 -2.89 -3.74
N THR A 56 11.25 -3.08 -5.02
CA THR A 56 11.37 -4.43 -5.56
C THR A 56 12.62 -5.12 -5.06
N GLY A 57 13.78 -4.61 -5.42
CA GLY A 57 15.04 -5.24 -5.05
C GLY A 57 15.62 -4.73 -3.76
N VAL A 58 14.99 -5.06 -2.63
CA VAL A 58 15.46 -4.63 -1.31
C VAL A 58 15.39 -5.82 -0.37
N ALA A 59 16.42 -5.99 0.46
CA ALA A 59 16.41 -7.03 1.47
C ALA A 59 15.53 -6.62 2.65
N ALA A 60 15.13 -7.61 3.43
CA ALA A 60 14.20 -7.37 4.54
C ALA A 60 14.82 -6.56 5.66
N ARG A 61 16.13 -6.36 5.66
CA ARG A 61 16.81 -5.63 6.73
C ARG A 61 16.58 -4.14 6.68
N PHE A 62 15.76 -3.65 5.77
CA PHE A 62 15.37 -2.25 5.70
C PHE A 62 13.90 -2.14 6.08
N THR A 63 13.61 -1.36 7.11
CA THR A 63 12.23 -1.15 7.54
C THR A 63 12.03 0.32 7.89
N GLY A 64 10.87 0.85 7.53
CA GLY A 64 10.55 2.23 7.83
C GLY A 64 9.14 2.34 8.37
N SER A 65 8.92 3.38 9.16
CA SER A 65 7.63 3.57 9.80
C SER A 65 7.43 5.05 10.10
N GLY A 66 6.19 5.42 10.34
CA GLY A 66 5.85 6.78 10.67
C GLY A 66 4.51 7.16 10.11
N PHE A 67 4.00 8.30 10.56
CA PHE A 67 2.72 8.82 10.14
C PHE A 67 2.59 10.26 10.63
N GLY A 68 2.07 11.13 9.77
CA GLY A 68 1.80 12.50 10.15
C GLY A 68 3.00 13.43 10.07
N THR A 69 3.90 13.35 11.06
CA THR A 69 5.05 14.25 11.08
C THR A 69 6.37 13.59 11.44
N GLU A 70 6.37 12.43 12.09
CA GLU A 70 7.60 11.78 12.52
C GLU A 70 7.75 10.48 11.75
N PHE A 71 8.87 10.35 11.03
CA PHE A 71 9.15 9.16 10.24
C PHE A 71 10.53 8.62 10.62
N THR A 72 10.66 7.30 10.64
CA THR A 72 11.93 6.66 11.01
C THR A 72 12.25 5.52 10.05
N LEU A 73 13.55 5.25 9.91
CA LEU A 73 14.08 4.14 9.14
C LEU A 73 15.08 3.39 9.99
N THR A 74 14.98 2.06 10.00
CA THR A 74 15.83 1.21 10.83
C THR A 74 16.60 0.23 9.97
N ILE A 75 17.91 0.19 10.16
CA ILE A 75 18.80 -0.71 9.43
C ILE A 75 19.44 -1.65 10.44
N SER A 76 19.22 -2.95 10.27
CA SER A 76 19.71 -3.96 11.20
C SER A 76 20.70 -4.87 10.49
N GLY A 77 21.88 -5.05 11.09
CA GLY A 77 22.89 -5.89 10.50
C GLY A 77 23.54 -5.29 9.27
N LEU A 78 24.31 -4.22 9.46
CA LEU A 78 24.94 -3.54 8.35
C LEU A 78 26.00 -4.41 7.68
N GLN A 79 26.07 -4.32 6.36
CA GLN A 79 27.16 -4.90 5.58
C GLN A 79 28.10 -3.79 5.16
N SER A 80 29.06 -4.12 4.30
CA SER A 80 30.00 -3.11 3.82
C SER A 80 29.35 -2.20 2.78
N GLU A 81 28.38 -2.70 2.03
CA GLU A 81 27.73 -1.93 0.98
C GLU A 81 26.86 -0.82 1.54
N ASP A 82 26.41 -0.92 2.79
CA ASP A 82 25.36 -0.06 3.31
C ASP A 82 25.89 1.17 4.03
N PHE A 83 27.04 1.68 3.63
CA PHE A 83 27.56 2.95 4.13
C PHE A 83 27.46 3.97 3.00
N ALA A 84 26.44 4.81 3.04
CA ALA A 84 26.13 5.76 1.99
C ALA A 84 25.50 6.99 2.64
N VAL A 85 24.76 7.77 1.86
CA VAL A 85 23.96 8.86 2.39
C VAL A 85 22.49 8.57 2.10
N TYR A 86 21.61 9.01 3.00
CA TYR A 86 20.20 8.66 2.95
C TYR A 86 19.32 9.90 2.93
N TYR A 87 18.35 9.92 2.02
CA TYR A 87 17.46 11.06 1.81
C TYR A 87 16.00 10.66 2.01
N CYS A 88 15.17 11.65 2.33
CA CYS A 88 13.72 11.49 2.39
C CYS A 88 13.07 12.67 1.68
N GLN A 89 12.06 12.40 0.85
CA GLN A 89 11.39 13.47 0.12
C GLN A 89 9.88 13.26 0.17
N GLU A 90 9.15 14.36 0.31
CA GLU A 90 7.71 14.35 0.55
C GLU A 90 6.95 14.77 -0.70
N TYR A 91 5.81 14.13 -0.96
CA TYR A 91 5.05 14.40 -2.17
C TYR A 91 3.55 14.38 -1.90
N ASN A 92 3.09 15.05 -0.84
CA ASN A 92 1.66 15.10 -0.55
C ASN A 92 1.04 16.38 -1.12
N ASN A 93 1.34 16.67 -2.40
CA ASN A 93 0.73 17.67 -3.27
C ASN A 93 1.35 17.63 -4.66
N TRP A 94 0.86 18.51 -5.54
CA TRP A 94 1.32 18.71 -6.92
C TRP A 94 2.63 19.49 -7.02
N PRO A 95 2.74 20.65 -6.37
CA PRO A 95 3.82 21.59 -6.69
C PRO A 95 5.14 21.13 -6.08
N PRO A 96 6.19 21.99 -6.04
CA PRO A 96 7.52 21.54 -5.57
C PRO A 96 7.57 20.50 -4.46
N TRP A 97 8.39 19.47 -4.68
CA TRP A 97 8.66 18.44 -3.71
C TRP A 97 10.07 18.58 -3.17
N THR A 98 10.20 18.55 -1.85
CA THR A 98 11.43 18.88 -1.16
C THR A 98 12.15 17.62 -0.72
N PHE A 99 13.45 17.57 -0.99
CA PHE A 99 14.29 16.46 -0.55
C PHE A 99 14.89 16.77 0.81
N GLY A 100 14.96 15.75 1.67
CA GLY A 100 15.64 15.91 2.92
C GLY A 100 17.11 16.21 2.73
N GLN A 101 17.72 16.79 3.77
CA GLN A 101 19.10 17.25 3.63
C GLN A 101 20.12 16.12 3.63
N GLY A 102 19.73 14.90 4.00
CA GLY A 102 20.62 13.77 3.89
C GLY A 102 21.54 13.57 5.07
N THR A 103 21.66 12.33 5.54
CA THR A 103 22.58 11.97 6.61
C THR A 103 23.44 10.80 6.17
N LYS A 104 24.64 10.73 6.73
CA LYS A 104 25.66 9.77 6.31
C LYS A 104 25.94 8.80 7.44
N VAL A 105 26.15 7.53 7.10
CA VAL A 105 26.50 6.49 8.06
C VAL A 105 27.94 6.06 7.80
N GLU A 106 28.78 6.17 8.81
CA GLU A 106 30.21 5.88 8.69
C GLU A 106 30.51 4.53 9.33
N ILE A 107 31.79 4.18 9.35
CA ILE A 107 32.27 2.96 10.01
C ILE A 107 33.00 3.35 11.28
N LYS A 108 32.64 2.72 12.38
CA LYS A 108 33.23 3.04 13.68
C LYS A 108 34.38 2.09 14.01
N VAL B 2 13.08 -1.33 -18.28
CA VAL B 2 13.75 -1.12 -17.00
C VAL B 2 15.15 -0.57 -17.22
N GLN B 3 15.28 0.31 -18.21
CA GLN B 3 16.59 0.83 -18.61
C GLN B 3 16.40 2.27 -19.06
N LEU B 4 16.94 3.21 -18.29
CA LEU B 4 16.89 4.62 -18.61
C LEU B 4 18.30 5.06 -18.97
N VAL B 5 18.51 5.47 -20.22
CA VAL B 5 19.82 5.91 -20.70
C VAL B 5 19.70 7.36 -21.16
N GLU B 6 20.62 8.20 -20.70
CA GLU B 6 20.56 9.63 -20.95
C GLU B 6 21.73 10.07 -21.80
N SER B 7 21.55 11.19 -22.48
CA SER B 7 22.57 11.74 -23.36
C SER B 7 22.37 13.25 -23.48
N GLY B 8 23.25 13.89 -24.24
CA GLY B 8 23.14 15.31 -24.50
C GLY B 8 23.86 16.20 -23.52
N GLY B 9 24.42 15.65 -22.45
CA GLY B 9 25.16 16.47 -21.51
C GLY B 9 26.49 16.93 -22.09
N GLY B 10 26.93 18.10 -21.67
CA GLY B 10 28.18 18.63 -22.17
C GLY B 10 28.65 19.89 -21.45
N LEU B 11 29.32 20.77 -22.18
CA LEU B 11 29.79 22.04 -21.66
C LEU B 11 29.06 23.15 -22.39
N VAL B 12 28.55 24.12 -21.65
CA VAL B 12 27.89 25.27 -22.26
C VAL B 12 28.46 26.54 -21.66
N LYS B 13 28.41 27.61 -22.42
CA LYS B 13 28.83 28.91 -21.92
C LYS B 13 27.66 29.61 -21.28
N PRO B 14 27.92 30.56 -20.38
CA PRO B 14 26.82 31.30 -19.75
C PRO B 14 25.97 32.00 -20.80
N GLY B 15 24.66 31.99 -20.59
CA GLY B 15 23.75 32.61 -21.51
C GLY B 15 23.42 31.82 -22.75
N GLY B 16 23.86 30.57 -22.82
CA GLY B 16 23.58 29.71 -23.96
C GLY B 16 22.34 28.87 -23.76
N SER B 17 22.32 27.71 -24.42
CA SER B 17 21.21 26.78 -24.26
C SER B 17 21.69 25.38 -24.58
N LEU B 18 20.96 24.40 -24.07
CA LEU B 18 21.29 22.99 -24.28
C LEU B 18 20.00 22.19 -24.16
N ARG B 19 20.01 20.99 -24.72
CA ARG B 19 18.80 20.17 -24.80
C ARG B 19 19.13 18.74 -24.43
N LEU B 20 18.79 18.35 -23.20
CA LEU B 20 19.03 16.99 -22.74
C LEU B 20 17.88 16.08 -23.15
N SER B 21 18.15 14.78 -23.17
CA SER B 21 17.14 13.80 -23.50
C SER B 21 17.52 12.47 -22.88
N CYS B 22 16.51 11.63 -22.63
CA CYS B 22 16.76 10.27 -22.18
C CYS B 22 15.72 9.36 -22.81
N ALA B 23 16.18 8.23 -23.34
CA ALA B 23 15.33 7.23 -23.98
C ALA B 23 15.20 6.01 -23.09
N ALA B 24 13.99 5.49 -22.97
CA ALA B 24 13.70 4.38 -22.08
C ALA B 24 13.23 3.17 -22.88
N SER B 25 13.51 2.00 -22.34
CA SER B 25 13.07 0.76 -22.97
C SER B 25 12.80 -0.27 -21.89
N GLY B 26 11.93 -1.23 -22.21
CA GLY B 26 11.59 -2.29 -21.28
C GLY B 26 10.26 -2.16 -20.59
N PHE B 27 9.45 -1.16 -20.93
CA PHE B 27 8.13 -1.02 -20.34
C PHE B 27 7.26 -0.20 -21.27
N ARG B 28 5.96 -0.17 -20.96
CA ARG B 28 5.03 0.73 -21.65
C ARG B 28 5.33 2.15 -21.17
N PHE B 29 6.03 2.92 -22.00
CA PHE B 29 6.45 4.24 -21.57
C PHE B 29 5.30 5.24 -21.50
N SER B 30 4.20 4.98 -22.19
CA SER B 30 3.15 5.98 -22.30
C SER B 30 2.17 5.96 -21.13
N ASP B 31 2.44 5.19 -20.09
CA ASP B 31 1.53 5.08 -18.96
C ASP B 31 2.13 5.56 -17.65
N TYR B 32 3.34 6.10 -17.67
CA TYR B 32 4.05 6.44 -16.44
C TYR B 32 4.39 7.91 -16.41
N TYR B 33 4.33 8.49 -15.21
CA TYR B 33 4.89 9.82 -15.02
C TYR B 33 6.39 9.76 -15.21
N MET B 34 6.97 10.88 -15.64
CA MET B 34 8.41 10.99 -15.69
C MET B 34 8.79 12.39 -15.25
N ASN B 35 10.02 12.55 -14.79
CA ASN B 35 10.43 13.80 -14.17
C ASN B 35 11.91 13.79 -13.84
N TRP B 36 12.50 14.98 -13.81
CA TRP B 36 13.95 15.16 -13.78
C TRP B 36 14.42 15.60 -12.40
N ILE B 37 15.31 14.83 -11.80
CA ILE B 37 16.00 15.23 -10.60
C ILE B 37 17.31 15.88 -11.01
N ARG B 38 17.99 16.53 -10.07
CA ARG B 38 19.30 17.06 -10.34
C ARG B 38 20.08 17.12 -9.04
N GLN B 39 21.41 17.17 -9.16
CA GLN B 39 22.28 17.16 -7.99
C GLN B 39 23.45 18.09 -8.21
N ALA B 40 23.55 19.14 -7.39
CA ALA B 40 24.73 19.97 -7.41
C ALA B 40 25.93 19.14 -6.95
N PRO B 41 27.15 19.54 -7.31
CA PRO B 41 28.31 18.73 -6.94
C PRO B 41 28.57 18.72 -5.44
N GLY B 42 28.28 17.59 -4.80
CA GLY B 42 28.50 17.46 -3.38
C GLY B 42 27.44 18.05 -2.49
N LYS B 43 26.20 18.18 -2.98
CA LYS B 43 25.09 18.66 -2.18
C LYS B 43 23.93 17.67 -2.30
N GLY B 44 22.80 18.03 -1.71
CA GLY B 44 21.65 17.17 -1.75
C GLY B 44 20.89 17.26 -3.05
N LEU B 45 20.15 16.19 -3.36
CA LEU B 45 19.35 16.18 -4.57
C LEU B 45 18.32 17.28 -4.52
N GLU B 46 18.03 17.86 -5.68
CA GLU B 46 16.96 18.84 -5.82
C GLU B 46 16.07 18.41 -6.97
N TRP B 47 14.77 18.68 -6.84
CA TRP B 47 13.81 18.30 -7.86
C TRP B 47 13.60 19.46 -8.83
N ILE B 48 13.41 19.14 -10.11
CA ILE B 48 13.44 20.16 -11.15
C ILE B 48 12.19 20.20 -12.03
N SER B 49 11.80 19.08 -12.62
CA SER B 49 10.69 19.11 -13.56
C SER B 49 9.72 17.98 -13.26
N TYR B 50 8.69 17.88 -14.10
CA TYR B 50 7.67 16.85 -13.98
C TYR B 50 6.80 16.91 -15.22
N ILE B 51 6.46 15.74 -15.75
CA ILE B 51 5.54 15.64 -16.88
C ILE B 51 4.48 14.62 -16.51
N GLY B 52 3.32 14.67 -17.17
CA GLY B 52 2.22 13.84 -16.75
C GLY B 52 1.96 12.67 -17.67
N SER B 53 0.71 12.23 -17.76
CA SER B 53 0.36 11.10 -18.61
C SER B 53 -0.15 11.62 -19.96
N GLY B 54 0.78 12.17 -20.73
CA GLY B 54 0.48 12.52 -22.09
C GLY B 54 0.53 14.01 -22.40
N GLY B 55 1.42 14.72 -21.73
CA GLY B 55 1.41 16.16 -21.85
C GLY B 55 0.32 16.73 -20.96
N PHE B 56 0.03 18.01 -21.20
CA PHE B 56 -0.93 18.80 -20.43
C PHE B 56 -0.91 18.45 -18.95
N ALA B 57 0.29 18.34 -18.39
CA ALA B 57 0.40 18.25 -16.94
C ALA B 57 1.66 18.92 -16.40
N THR B 58 2.40 19.69 -17.21
CA THR B 58 3.73 20.14 -16.84
C THR B 58 3.73 20.93 -15.53
N TYR B 59 4.73 20.65 -14.69
CA TYR B 59 5.01 21.44 -13.50
C TYR B 59 6.49 21.76 -13.50
N TYR B 60 6.92 22.61 -12.57
CA TYR B 60 8.32 23.02 -12.57
C TYR B 60 8.75 23.42 -11.17
N GLY B 61 10.07 23.51 -11.00
CA GLY B 61 10.65 23.94 -9.74
C GLY B 61 10.63 25.44 -9.58
N ASP B 62 11.07 25.89 -8.40
CA ASP B 62 11.02 27.32 -8.09
C ASP B 62 12.10 28.10 -8.84
N SER B 63 13.31 27.56 -8.90
CA SER B 63 14.45 28.30 -9.42
C SER B 63 14.63 28.18 -10.93
N VAL B 64 13.79 27.39 -11.60
CA VAL B 64 13.93 27.16 -13.03
C VAL B 64 12.60 27.40 -13.73
N LYS B 65 11.78 28.30 -13.19
CA LYS B 65 10.38 28.37 -13.57
C LYS B 65 10.20 28.69 -15.05
N GLY B 66 10.96 29.64 -15.58
CA GLY B 66 10.73 30.09 -16.94
C GLY B 66 11.76 29.64 -17.95
N ARG B 67 12.83 29.02 -17.49
CA ARG B 67 13.95 28.68 -18.36
C ARG B 67 13.90 27.27 -18.92
N PHE B 68 13.11 26.38 -18.33
CA PHE B 68 13.13 24.97 -18.67
C PHE B 68 11.81 24.57 -19.32
N THR B 69 11.89 23.88 -20.46
CA THR B 69 10.71 23.33 -21.10
C THR B 69 10.86 21.82 -21.18
N VAL B 70 9.86 21.10 -20.69
CA VAL B 70 9.86 19.64 -20.68
C VAL B 70 8.72 19.15 -21.56
N SER B 71 9.02 18.16 -22.41
CA SER B 71 8.01 17.57 -23.26
C SER B 71 8.44 16.16 -23.61
N ARG B 72 7.48 15.31 -23.91
CA ARG B 72 7.74 13.90 -24.15
C ARG B 72 7.02 13.44 -25.40
N ASP B 73 7.65 12.49 -26.11
CA ASP B 73 7.09 11.86 -27.30
C ASP B 73 6.89 10.39 -26.98
N ASP B 74 5.65 10.02 -26.65
CA ASP B 74 5.37 8.69 -26.13
C ASP B 74 5.66 7.62 -27.16
N ALA B 75 5.36 7.90 -28.43
CA ALA B 75 5.48 6.87 -29.47
C ALA B 75 6.92 6.42 -29.67
N GLU B 76 7.88 7.34 -29.52
CA GLU B 76 9.28 7.01 -29.72
C GLU B 76 9.94 6.43 -28.46
N ASN B 77 9.19 6.28 -27.37
CA ASN B 77 9.75 5.85 -26.09
C ASN B 77 10.93 6.73 -25.70
N SER B 78 10.75 8.04 -25.87
CA SER B 78 11.81 9.01 -25.62
C SER B 78 11.27 10.15 -24.76
N LEU B 79 12.20 10.94 -24.23
CA LEU B 79 11.84 12.07 -23.39
C LEU B 79 12.89 13.17 -23.56
N TYR B 80 12.44 14.42 -23.52
CA TYR B 80 13.30 15.56 -23.75
C TYR B 80 13.11 16.59 -22.64
N LEU B 81 14.19 17.29 -22.32
CA LEU B 81 14.14 18.48 -21.46
C LEU B 81 14.87 19.58 -22.19
N GLN B 82 14.24 20.75 -22.30
CA GLN B 82 14.80 21.88 -23.03
C GLN B 82 15.22 22.97 -22.05
N MET B 83 16.42 23.49 -22.22
CA MET B 83 17.01 24.44 -21.30
C MET B 83 17.33 25.73 -22.05
N ASN B 84 16.83 26.85 -21.55
CA ASN B 84 17.02 28.14 -22.21
C ASN B 84 17.59 29.14 -21.22
N SER B 85 18.34 30.10 -21.77
CA SER B 85 18.87 31.23 -21.00
C SER B 85 19.63 30.74 -19.77
N LEU B 86 20.58 29.85 -20.01
CA LEU B 86 21.28 29.19 -18.92
C LEU B 86 22.15 30.18 -18.15
N ARG B 87 22.35 29.87 -16.87
CA ARG B 87 23.29 30.61 -16.04
C ARG B 87 24.31 29.64 -15.44
N ALA B 88 25.13 30.12 -14.50
CA ALA B 88 26.35 29.42 -14.13
C ALA B 88 26.23 28.57 -12.86
N GLU B 89 25.31 28.86 -11.96
CA GLU B 89 25.25 28.16 -10.70
C GLU B 89 24.35 26.94 -10.74
N ASP B 90 23.80 26.60 -11.90
CA ASP B 90 22.99 25.39 -12.04
C ASP B 90 23.77 24.24 -12.67
N THR B 91 25.08 24.19 -12.43
CA THR B 91 25.86 23.03 -12.81
C THR B 91 25.51 21.88 -11.88
N ALA B 92 25.30 20.70 -12.45
CA ALA B 92 24.75 19.59 -11.69
C ALA B 92 24.92 18.32 -12.50
N VAL B 93 24.29 17.24 -12.05
CA VAL B 93 24.32 15.96 -12.75
C VAL B 93 22.86 15.51 -12.87
N TYR B 94 22.22 15.86 -13.98
CA TYR B 94 20.79 15.67 -14.12
C TYR B 94 20.44 14.21 -14.35
N TYR B 95 19.45 13.72 -13.61
CA TYR B 95 18.90 12.39 -13.81
C TYR B 95 17.50 12.50 -14.38
N CYS B 96 16.99 11.40 -14.94
CA CYS B 96 15.60 11.34 -15.37
C CYS B 96 14.95 10.15 -14.69
N ALA B 97 14.21 10.42 -13.63
CA ALA B 97 13.61 9.37 -12.81
C ALA B 97 12.36 8.84 -13.48
N ARG B 98 11.59 8.04 -12.76
CA ARG B 98 10.27 7.62 -13.20
C ARG B 98 9.44 7.37 -11.95
N GLY B 99 8.16 7.72 -12.00
CA GLY B 99 7.29 7.60 -10.85
C GLY B 99 6.40 6.38 -10.94
N VAL B 100 6.29 5.65 -9.84
CA VAL B 100 5.39 4.50 -9.82
C VAL B 100 3.97 5.03 -9.83
N THR B 101 3.35 5.03 -11.02
CA THR B 101 2.04 5.63 -11.17
C THR B 101 1.01 4.98 -10.25
N SER B 102 0.95 3.65 -10.25
CA SER B 102 0.00 2.93 -9.43
C SER B 102 0.70 1.77 -8.74
N TYR B 103 0.33 1.52 -7.49
CA TYR B 103 0.87 0.36 -6.75
C TYR B 103 -0.29 -0.44 -6.18
N SER B 104 -0.80 -1.42 -6.91
CA SER B 104 -1.85 -2.30 -6.37
C SER B 104 -1.24 -3.21 -5.31
N ASP B 105 -1.48 -2.94 -4.03
CA ASP B 105 -0.90 -3.72 -2.91
C ASP B 105 -1.51 -5.13 -2.84
N ASN B 106 -1.07 -5.96 -1.89
CA ASN B 106 -1.56 -7.36 -1.79
C ASN B 106 -3.09 -7.39 -1.76
N SER B 107 -3.73 -6.63 -0.86
CA SER B 107 -5.22 -6.58 -0.86
C SER B 107 -5.74 -5.19 -1.16
N GLY B 108 -6.68 -5.08 -2.11
CA GLY B 108 -7.23 -3.79 -2.51
C GLY B 108 -6.13 -2.77 -2.56
N ASN B 109 -6.13 -1.83 -1.63
CA ASN B 109 -5.13 -0.74 -1.60
C ASN B 109 -4.63 -0.46 -3.03
N TYR B 110 -5.44 0.18 -3.87
CA TYR B 110 -5.09 0.51 -5.25
C TYR B 110 -4.33 1.84 -5.31
N ARG B 111 -3.57 2.14 -4.26
CA ARG B 111 -3.06 3.48 -4.00
C ARG B 111 -2.20 3.98 -5.16
N THR B 112 -2.31 5.29 -5.42
CA THR B 112 -1.53 5.98 -6.43
C THR B 112 -0.37 6.71 -5.77
N ASP B 113 0.86 6.20 -6.00
CA ASP B 113 2.06 6.81 -5.44
C ASP B 113 2.75 7.69 -6.47
N ASP B 114 3.72 8.47 -6.03
CA ASP B 114 4.53 9.25 -6.98
C ASP B 114 5.99 9.28 -6.55
N ALA B 115 6.57 8.14 -6.19
CA ALA B 115 7.97 8.08 -5.80
C ALA B 115 8.83 7.71 -7.00
N PHE B 116 10.08 8.16 -6.97
CA PHE B 116 11.00 7.99 -8.09
C PHE B 116 11.63 6.61 -8.04
N ASP B 117 11.00 5.63 -8.67
CA ASP B 117 11.61 4.31 -8.82
C ASP B 117 12.63 4.44 -9.95
N ILE B 118 13.01 3.33 -10.59
CA ILE B 118 14.26 3.19 -11.32
C ILE B 118 14.69 4.45 -12.06
N TRP B 119 15.93 4.86 -11.82
CA TRP B 119 16.52 6.09 -12.30
C TRP B 119 17.38 5.82 -13.51
N GLY B 120 18.12 6.84 -13.95
CA GLY B 120 19.13 6.69 -14.97
C GLY B 120 20.53 6.89 -14.42
N GLN B 121 21.46 7.11 -15.33
CA GLN B 121 22.81 7.50 -14.96
C GLN B 121 22.91 9.03 -14.96
N GLY B 122 24.12 9.56 -14.90
CA GLY B 122 24.31 10.99 -14.86
C GLY B 122 24.72 11.57 -16.21
N THR B 123 24.49 12.87 -16.36
CA THR B 123 24.94 13.63 -17.53
C THR B 123 25.51 14.95 -17.02
N MET B 124 26.81 14.99 -16.79
CA MET B 124 27.45 16.18 -16.24
C MET B 124 27.19 17.38 -17.14
N VAL B 125 26.77 18.49 -16.54
CA VAL B 125 26.46 19.72 -17.27
C VAL B 125 27.16 20.86 -16.53
N THR B 126 28.32 21.27 -17.03
CA THR B 126 29.09 22.32 -16.40
C THR B 126 28.96 23.61 -17.19
N VAL B 127 28.74 24.72 -16.46
CA VAL B 127 28.54 26.02 -17.05
C VAL B 127 29.60 26.95 -16.51
N SER B 128 30.49 27.43 -17.37
CA SER B 128 31.53 28.35 -16.95
C SER B 128 32.07 29.09 -18.16
N SER B 129 32.81 30.17 -17.89
CA SER B 129 33.31 31.06 -18.92
C SER B 129 34.66 30.64 -19.48
N ALA B 130 35.28 29.60 -18.94
CA ALA B 130 36.60 29.17 -19.39
C ALA B 130 36.56 28.61 -20.80
N ASN C 331 -10.82 1.25 18.43
CA ASN C 331 -10.11 1.75 17.25
C ASN C 331 -11.05 2.09 16.12
N LEU C 332 -11.19 3.38 15.83
CA LEU C 332 -12.04 3.86 14.75
C LEU C 332 -11.21 3.89 13.47
N CYS C 333 -11.63 3.13 12.47
CA CYS C 333 -10.85 3.01 11.25
C CYS C 333 -10.83 4.34 10.48
N PRO C 334 -9.80 4.56 9.66
CA PRO C 334 -9.54 5.91 9.15
C PRO C 334 -10.43 6.35 8.01
N PHE C 335 -11.63 6.86 8.32
CA PHE C 335 -12.39 7.56 7.30
C PHE C 335 -11.79 8.93 7.02
N GLY C 336 -11.11 9.51 8.00
CA GLY C 336 -10.48 10.81 7.80
C GLY C 336 -9.30 10.77 6.84
N GLU C 337 -8.76 9.59 6.58
CA GLU C 337 -7.70 9.45 5.59
C GLU C 337 -8.23 9.23 4.18
N VAL C 338 -9.54 9.15 4.01
CA VAL C 338 -10.16 9.00 2.70
C VAL C 338 -11.01 10.21 2.34
N PHE C 339 -11.71 10.78 3.32
CA PHE C 339 -12.56 11.93 3.04
C PHE C 339 -11.82 13.25 3.18
N ASN C 340 -10.62 13.26 3.73
CA ASN C 340 -9.86 14.48 3.92
C ASN C 340 -8.49 14.42 3.26
N ALA C 341 -8.28 13.49 2.33
CA ALA C 341 -7.00 13.38 1.68
C ALA C 341 -6.66 14.68 0.94
N THR C 342 -5.38 15.01 0.91
CA THR C 342 -4.99 16.32 0.42
C THR C 342 -5.20 16.45 -1.09
N ARG C 343 -5.01 15.38 -1.84
CA ARG C 343 -5.29 15.38 -3.27
C ARG C 343 -5.92 14.04 -3.67
N PHE C 344 -6.96 14.11 -4.47
CA PHE C 344 -7.72 12.95 -4.93
C PHE C 344 -7.19 12.47 -6.27
N ALA C 345 -7.49 11.23 -6.59
CA ALA C 345 -6.98 10.58 -7.79
C ALA C 345 -8.00 10.65 -8.92
N SER C 346 -7.53 11.05 -10.10
CA SER C 346 -8.40 11.24 -11.25
C SER C 346 -9.19 9.99 -11.55
N VAL C 347 -10.27 10.15 -12.32
CA VAL C 347 -11.29 9.11 -12.40
C VAL C 347 -10.77 7.88 -13.15
N TYR C 348 -9.98 8.08 -14.20
CA TYR C 348 -9.57 6.95 -15.03
C TYR C 348 -8.68 5.96 -14.30
N ALA C 349 -8.14 6.33 -13.16
CA ALA C 349 -7.33 5.46 -12.31
C ALA C 349 -7.78 5.57 -10.87
N TRP C 350 -9.08 5.46 -10.65
CA TRP C 350 -9.66 5.72 -9.34
C TRP C 350 -9.03 4.86 -8.26
N ASN C 351 -8.75 5.49 -7.13
CA ASN C 351 -8.08 4.81 -6.02
C ASN C 351 -9.03 3.82 -5.37
N ARG C 352 -8.58 3.21 -4.28
CA ARG C 352 -9.37 2.25 -3.53
C ARG C 352 -8.67 1.97 -2.22
N LYS C 353 -9.45 1.76 -1.17
CA LYS C 353 -8.89 1.41 0.12
C LYS C 353 -9.79 0.39 0.79
N ARG C 354 -9.17 -0.65 1.36
CA ARG C 354 -9.91 -1.68 2.07
C ARG C 354 -9.90 -1.39 3.56
N ILE C 355 -11.05 -1.57 4.20
CA ILE C 355 -11.24 -1.28 5.61
C ILE C 355 -11.71 -2.56 6.28
N SER C 356 -11.00 -2.98 7.32
CA SER C 356 -11.38 -4.16 8.08
C SER C 356 -10.84 -4.05 9.49
N ASN C 357 -11.49 -4.77 10.41
CA ASN C 357 -11.12 -4.79 11.82
C ASN C 357 -11.13 -3.38 12.42
N CYS C 358 -12.32 -2.79 12.46
CA CYS C 358 -12.47 -1.46 13.04
C CYS C 358 -13.88 -1.29 13.57
N VAL C 359 -14.06 -0.27 14.38
CA VAL C 359 -15.37 0.14 14.87
C VAL C 359 -15.70 1.44 14.15
N ALA C 360 -16.41 1.34 13.04
CA ALA C 360 -16.67 2.48 12.17
C ALA C 360 -18.06 3.05 12.46
N ASP C 361 -18.14 4.36 12.60
CA ASP C 361 -19.41 5.05 12.80
C ASP C 361 -19.77 5.83 11.55
N TYR C 362 -20.99 5.63 11.06
CA TYR C 362 -21.49 6.37 9.93
C TYR C 362 -22.42 7.51 10.34
N SER C 363 -22.65 7.68 11.64
CA SER C 363 -23.44 8.83 12.09
C SER C 363 -22.71 10.13 11.85
N VAL C 364 -21.39 10.16 12.11
CA VAL C 364 -20.61 11.35 11.84
C VAL C 364 -20.59 11.65 10.35
N LEU C 365 -20.57 10.61 9.51
CA LEU C 365 -20.56 10.83 8.07
C LEU C 365 -21.89 11.36 7.58
N TYR C 366 -22.99 10.74 8.02
CA TYR C 366 -24.30 11.12 7.49
C TYR C 366 -24.70 12.51 7.93
N ASN C 367 -24.44 12.86 9.19
CA ASN C 367 -24.93 14.13 9.73
C ASN C 367 -23.82 15.19 9.63
N SER C 368 -23.62 15.63 8.40
CA SER C 368 -22.77 16.77 8.11
C SER C 368 -23.37 17.49 6.91
N ALA C 369 -23.45 18.81 6.98
CA ALA C 369 -24.11 19.59 5.95
C ALA C 369 -23.22 19.86 4.74
N SER C 370 -21.97 19.39 4.77
CA SER C 370 -21.07 19.64 3.64
C SER C 370 -21.42 18.75 2.44
N PHE C 371 -21.73 17.48 2.69
CA PHE C 371 -21.91 16.51 1.60
C PHE C 371 -23.18 16.85 0.83
N SER C 372 -23.01 17.40 -0.37
CA SER C 372 -24.11 17.80 -1.22
C SER C 372 -24.77 16.65 -1.94
N THR C 373 -24.54 15.42 -1.48
CA THR C 373 -25.21 14.24 -2.03
C THR C 373 -24.98 13.04 -1.12
N PHE C 374 -26.05 12.34 -0.76
CA PHE C 374 -25.92 11.12 0.04
C PHE C 374 -27.20 10.33 -0.21
N LYS C 375 -27.10 9.23 -0.94
CA LYS C 375 -28.29 8.50 -1.34
C LYS C 375 -27.90 7.08 -1.64
N CYS C 376 -28.60 6.11 -1.05
CA CYS C 376 -28.11 4.76 -1.16
C CYS C 376 -29.17 3.69 -0.96
N TYR C 377 -28.70 2.45 -1.07
CA TYR C 377 -29.40 1.36 -1.72
C TYR C 377 -29.36 0.14 -0.81
N GLY C 378 -30.53 -0.42 -0.51
CA GLY C 378 -30.58 -1.64 0.27
C GLY C 378 -30.06 -1.49 1.68
N VAL C 379 -29.44 -0.35 1.97
CA VAL C 379 -28.99 -0.03 3.32
C VAL C 379 -29.35 1.43 3.61
N SER C 380 -30.47 1.64 4.30
CA SER C 380 -30.92 2.99 4.59
C SER C 380 -29.94 3.68 5.54
N PRO C 381 -29.67 4.97 5.35
CA PRO C 381 -28.63 5.63 6.14
C PRO C 381 -28.87 5.61 7.64
N THR C 382 -30.12 5.47 8.08
CA THR C 382 -30.40 5.51 9.51
C THR C 382 -29.80 4.32 10.24
N LYS C 383 -29.86 3.14 9.62
CA LYS C 383 -29.42 1.90 10.26
C LYS C 383 -28.05 1.44 9.78
N LEU C 384 -27.17 2.38 9.43
CA LEU C 384 -25.87 2.00 8.91
C LEU C 384 -25.01 1.34 9.98
N ASN C 385 -24.90 1.97 11.15
CA ASN C 385 -23.93 1.55 12.15
C ASN C 385 -24.39 0.33 12.94
N ASP C 386 -25.63 -0.09 12.79
CA ASP C 386 -26.16 -1.22 13.54
C ASP C 386 -25.97 -2.54 12.82
N LEU C 387 -25.30 -2.55 11.68
CA LEU C 387 -24.93 -3.77 10.99
C LEU C 387 -23.42 -3.77 10.75
N CYS C 388 -22.83 -4.96 10.75
CA CYS C 388 -21.41 -5.12 10.51
C CYS C 388 -21.18 -6.09 9.35
N PHE C 389 -20.23 -5.75 8.49
CA PHE C 389 -19.87 -6.56 7.34
C PHE C 389 -18.45 -7.08 7.51
N THR C 390 -18.00 -7.87 6.52
CA THR C 390 -16.66 -8.42 6.57
C THR C 390 -15.62 -7.43 6.06
N ASN C 391 -15.88 -6.80 4.92
CA ASN C 391 -14.95 -5.82 4.39
C ASN C 391 -15.74 -4.66 3.79
N VAL C 392 -15.20 -3.45 3.94
CA VAL C 392 -15.79 -2.25 3.40
C VAL C 392 -14.76 -1.56 2.52
N TYR C 393 -15.13 -1.27 1.28
CA TYR C 393 -14.23 -0.63 0.34
C TYR C 393 -14.59 0.84 0.17
N ALA C 394 -13.63 1.61 -0.35
CA ALA C 394 -13.83 3.04 -0.53
C ALA C 394 -13.17 3.48 -1.83
N ASP C 395 -13.98 3.82 -2.83
CA ASP C 395 -13.49 4.21 -4.14
C ASP C 395 -13.60 5.71 -4.29
N SER C 396 -12.48 6.40 -4.46
CA SER C 396 -12.46 7.85 -4.46
C SER C 396 -11.88 8.39 -5.75
N PHE C 397 -12.47 9.46 -6.27
CA PHE C 397 -11.96 10.10 -7.47
C PHE C 397 -12.46 11.54 -7.53
N VAL C 398 -12.36 12.17 -8.70
CA VAL C 398 -12.84 13.53 -8.93
C VAL C 398 -13.44 13.67 -10.32
N ILE C 399 -14.69 14.11 -10.40
CA ILE C 399 -15.41 14.17 -11.66
C ILE C 399 -16.08 15.52 -11.81
N ARG C 400 -16.60 15.76 -13.00
CA ARG C 400 -17.27 17.00 -13.31
C ARG C 400 -18.56 17.12 -12.50
N GLY C 401 -18.95 18.35 -12.20
CA GLY C 401 -20.10 18.55 -11.33
C GLY C 401 -21.39 18.02 -11.93
N ASP C 402 -21.66 18.34 -13.18
CA ASP C 402 -22.87 17.88 -13.83
C ASP C 402 -22.86 16.36 -13.94
N GLU C 403 -21.70 15.79 -14.20
CA GLU C 403 -21.51 14.40 -14.58
C GLU C 403 -21.75 13.44 -13.43
N VAL C 404 -21.92 13.93 -12.21
CA VAL C 404 -22.04 13.07 -11.03
C VAL C 404 -23.34 12.29 -10.99
N ARG C 405 -24.27 12.57 -11.89
CA ARG C 405 -25.52 11.81 -11.90
C ARG C 405 -25.33 10.39 -12.41
N GLN C 406 -24.16 10.05 -12.94
CA GLN C 406 -23.94 8.72 -13.49
C GLN C 406 -23.33 7.74 -12.51
N ILE C 407 -22.99 8.17 -11.30
CA ILE C 407 -22.44 7.25 -10.29
C ILE C 407 -23.65 6.67 -9.57
N ALA C 408 -24.26 5.68 -10.19
CA ALA C 408 -25.44 5.00 -9.68
C ALA C 408 -25.74 3.79 -10.55
N PRO C 409 -26.32 2.73 -10.00
CA PRO C 409 -26.62 1.56 -10.82
C PRO C 409 -27.64 1.87 -11.90
N GLY C 410 -27.54 1.14 -13.00
CA GLY C 410 -28.49 1.24 -14.09
C GLY C 410 -28.29 2.42 -15.01
N GLN C 411 -27.29 3.25 -14.75
CA GLN C 411 -27.09 4.47 -15.51
C GLN C 411 -26.04 4.23 -16.59
N THR C 412 -26.04 5.10 -17.61
CA THR C 412 -25.14 4.94 -18.75
C THR C 412 -24.70 6.31 -19.26
N GLY C 413 -23.46 6.38 -19.73
CA GLY C 413 -22.91 7.62 -20.25
C GLY C 413 -21.42 7.53 -20.56
N ASN C 414 -20.64 8.48 -20.07
CA ASN C 414 -19.19 8.42 -20.21
C ASN C 414 -18.56 7.70 -19.02
N ILE C 415 -18.81 8.20 -17.81
CA ILE C 415 -18.18 7.61 -16.63
C ILE C 415 -18.65 6.18 -16.45
N ALA C 416 -19.98 5.98 -16.44
CA ALA C 416 -20.50 4.65 -16.15
C ALA C 416 -20.15 3.63 -17.21
N ASP C 417 -19.71 4.06 -18.39
CA ASP C 417 -19.48 3.13 -19.48
C ASP C 417 -17.99 2.95 -19.81
N TYR C 418 -17.14 3.89 -19.42
CA TYR C 418 -15.72 3.79 -19.73
C TYR C 418 -14.78 4.01 -18.55
N ASN C 419 -15.23 4.58 -17.45
CA ASN C 419 -14.32 4.88 -16.35
C ASN C 419 -14.68 4.15 -15.06
N TYR C 420 -15.91 4.28 -14.58
CA TYR C 420 -16.30 3.66 -13.32
C TYR C 420 -17.73 3.15 -13.47
N LYS C 421 -17.89 1.84 -13.52
CA LYS C 421 -19.19 1.22 -13.70
C LYS C 421 -19.54 0.44 -12.44
N LEU C 422 -20.75 0.60 -11.97
CA LEU C 422 -21.34 -0.04 -10.81
C LEU C 422 -22.20 -1.22 -11.22
N PRO C 423 -22.34 -2.22 -10.37
CA PRO C 423 -23.24 -3.33 -10.69
C PRO C 423 -24.70 -2.92 -10.62
N ASP C 424 -25.60 -3.89 -10.78
CA ASP C 424 -27.03 -3.59 -10.65
C ASP C 424 -27.55 -3.82 -9.23
N ASP C 425 -26.90 -4.70 -8.47
CA ASP C 425 -27.30 -5.03 -7.10
C ASP C 425 -26.45 -4.31 -6.07
N PHE C 426 -26.10 -3.05 -6.35
CA PHE C 426 -25.14 -2.33 -5.55
C PHE C 426 -25.60 -2.17 -4.11
N THR C 427 -24.64 -2.21 -3.19
CA THR C 427 -24.86 -1.88 -1.78
C THR C 427 -23.75 -0.91 -1.35
N GLY C 428 -24.03 -0.14 -0.31
CA GLY C 428 -23.16 0.96 0.06
C GLY C 428 -23.47 2.19 -0.77
N CYS C 429 -22.85 3.31 -0.40
CA CYS C 429 -23.35 4.56 -0.96
C CYS C 429 -22.34 5.69 -0.98
N VAL C 430 -22.75 6.77 -1.65
CA VAL C 430 -21.90 7.63 -2.45
C VAL C 430 -22.11 9.08 -2.00
N ILE C 431 -21.05 9.70 -1.48
CA ILE C 431 -21.16 11.10 -1.12
C ILE C 431 -20.38 11.91 -2.14
N ALA C 432 -20.73 13.18 -2.27
CA ALA C 432 -20.12 14.00 -3.31
C ALA C 432 -20.25 15.46 -2.91
N TRP C 433 -19.18 16.06 -2.42
CA TRP C 433 -19.24 17.44 -1.97
C TRP C 433 -18.45 18.34 -2.91
N ASN C 434 -18.97 19.52 -3.17
CA ASN C 434 -18.26 20.47 -4.02
C ASN C 434 -16.90 20.77 -3.42
N SER C 435 -15.93 21.00 -4.29
CA SER C 435 -14.56 21.23 -3.82
C SER C 435 -13.86 22.34 -4.59
N ASN C 436 -14.62 23.23 -5.24
CA ASN C 436 -14.02 24.20 -6.14
C ASN C 436 -13.01 25.10 -5.45
N ASN C 437 -13.09 25.24 -4.13
CA ASN C 437 -12.08 26.01 -3.41
C ASN C 437 -10.76 25.27 -3.32
N LEU C 438 -10.77 23.95 -3.41
CA LEU C 438 -9.56 23.16 -3.24
C LEU C 438 -8.92 22.73 -4.56
N ASP C 439 -9.72 22.25 -5.51
CA ASP C 439 -9.16 21.63 -6.70
C ASP C 439 -8.74 22.66 -7.74
N SER C 440 -9.69 23.43 -8.25
CA SER C 440 -9.40 24.32 -9.36
C SER C 440 -8.46 25.44 -8.93
N LYS C 441 -7.63 25.88 -9.87
CA LYS C 441 -6.75 27.01 -9.65
C LYS C 441 -6.77 27.90 -10.89
N VAL C 442 -6.44 29.17 -10.69
CA VAL C 442 -6.50 30.14 -11.78
C VAL C 442 -5.57 29.72 -12.89
N GLY C 443 -6.08 29.74 -14.12
CA GLY C 443 -5.36 29.27 -15.28
C GLY C 443 -5.63 27.82 -15.64
N GLY C 444 -6.16 27.02 -14.70
CA GLY C 444 -6.49 25.64 -14.99
C GLY C 444 -5.82 24.64 -14.07
N ASN C 445 -6.44 23.49 -13.88
CA ASN C 445 -5.88 22.37 -13.13
C ASN C 445 -6.01 21.14 -14.01
N TYR C 446 -4.96 20.82 -14.75
CA TYR C 446 -5.04 19.79 -15.78
C TYR C 446 -4.81 18.39 -15.24
N ASN C 447 -4.54 18.24 -13.93
CA ASN C 447 -4.09 16.95 -13.43
C ASN C 447 -5.20 15.90 -13.33
N TYR C 448 -6.45 16.25 -13.62
CA TYR C 448 -7.55 15.31 -13.56
C TYR C 448 -7.98 14.94 -14.97
N LEU C 449 -7.92 13.66 -15.29
CA LEU C 449 -8.14 13.16 -16.64
C LEU C 449 -9.22 12.09 -16.64
N TYR C 450 -9.82 11.86 -17.80
CA TYR C 450 -10.89 10.89 -17.90
C TYR C 450 -10.84 10.24 -19.27
N ARG C 451 -11.09 8.94 -19.34
CA ARG C 451 -11.05 8.25 -20.61
C ARG C 451 -12.19 8.73 -21.50
N LEU C 452 -12.01 8.59 -22.80
CA LEU C 452 -12.99 9.14 -23.72
C LEU C 452 -13.33 8.17 -24.85
N PHE C 453 -12.44 7.22 -25.13
CA PHE C 453 -12.63 6.29 -26.22
C PHE C 453 -12.25 4.89 -25.78
N ARG C 454 -13.03 3.91 -26.22
CA ARG C 454 -12.75 2.51 -25.91
C ARG C 454 -13.48 1.64 -26.93
N LYS C 455 -13.32 0.33 -26.78
CA LYS C 455 -13.92 -0.65 -27.67
C LYS C 455 -15.15 -1.30 -27.06
N SER C 456 -15.09 -1.74 -25.81
CA SER C 456 -16.18 -2.46 -25.17
C SER C 456 -16.43 -1.88 -23.79
N ASN C 457 -17.68 -2.02 -23.33
CA ASN C 457 -18.08 -1.46 -22.06
C ASN C 457 -17.36 -2.16 -20.90
N LEU C 458 -17.09 -1.40 -19.85
CA LEU C 458 -16.37 -1.93 -18.71
C LEU C 458 -17.23 -2.89 -17.92
N LYS C 459 -16.65 -4.00 -17.51
CA LYS C 459 -17.25 -4.80 -16.46
C LYS C 459 -17.23 -4.01 -15.15
N PRO C 460 -18.20 -4.22 -14.27
CA PRO C 460 -18.24 -3.44 -13.03
C PRO C 460 -16.97 -3.59 -12.22
N PHE C 461 -16.54 -2.48 -11.62
CA PHE C 461 -15.34 -2.45 -10.77
C PHE C 461 -14.11 -2.91 -11.54
N GLU C 462 -13.89 -2.34 -12.71
CA GLU C 462 -12.75 -2.71 -13.54
C GLU C 462 -12.12 -1.46 -14.14
N ARG C 463 -11.06 -0.98 -13.51
CA ARG C 463 -10.27 0.12 -14.02
C ARG C 463 -9.30 -0.37 -15.07
N ASP C 464 -8.98 0.48 -16.03
CA ASP C 464 -7.90 0.20 -16.96
C ASP C 464 -7.02 1.43 -17.12
N ILE C 465 -5.72 1.20 -17.22
CA ILE C 465 -4.75 2.27 -17.30
C ILE C 465 -4.05 2.35 -18.64
N SER C 466 -4.00 1.24 -19.39
CA SER C 466 -3.28 1.22 -20.66
C SER C 466 -3.83 2.29 -21.60
N THR C 467 -2.93 3.05 -22.19
CA THR C 467 -3.27 4.18 -23.05
C THR C 467 -2.81 3.94 -24.48
N GLU C 468 -3.03 2.73 -24.99
CA GLU C 468 -2.76 2.46 -26.39
C GLU C 468 -3.72 3.24 -27.27
N ILE C 469 -3.19 3.84 -28.34
CA ILE C 469 -3.98 4.76 -29.15
C ILE C 469 -5.19 4.05 -29.72
N TYR C 470 -6.33 4.71 -29.68
CA TYR C 470 -7.58 4.18 -30.21
C TYR C 470 -7.74 4.59 -31.66
N GLN C 471 -7.72 3.61 -32.56
CA GLN C 471 -7.94 3.88 -33.97
C GLN C 471 -9.44 4.02 -34.22
N ALA C 472 -9.85 5.17 -34.76
CA ALA C 472 -11.26 5.47 -34.90
C ALA C 472 -11.95 4.64 -35.98
N GLY C 473 -11.19 3.91 -36.80
CA GLY C 473 -11.80 3.13 -37.85
C GLY C 473 -10.95 1.96 -38.29
N SER C 474 -11.18 1.48 -39.51
CA SER C 474 -10.45 0.32 -40.00
C SER C 474 -8.99 0.65 -40.27
N THR C 475 -8.70 1.86 -40.70
CA THR C 475 -7.33 2.22 -41.06
C THR C 475 -6.44 2.28 -39.82
N PRO C 476 -5.34 1.53 -39.78
CA PRO C 476 -4.40 1.65 -38.67
C PRO C 476 -3.49 2.87 -38.86
N CYS C 477 -2.79 3.22 -37.79
CA CYS C 477 -1.93 4.39 -37.81
C CYS C 477 -0.58 4.17 -37.15
N ASN C 478 -0.23 2.92 -36.81
CA ASN C 478 1.11 2.60 -36.28
C ASN C 478 1.41 3.36 -34.99
N GLY C 479 0.39 3.57 -34.17
CA GLY C 479 0.56 4.14 -32.86
C GLY C 479 1.09 5.57 -32.83
N VAL C 480 0.51 6.44 -33.64
CA VAL C 480 0.84 7.86 -33.62
C VAL C 480 -0.45 8.66 -33.49
N LYS C 481 -0.43 9.68 -32.65
CA LYS C 481 -1.58 10.57 -32.52
C LYS C 481 -1.74 11.38 -33.80
N GLY C 482 -2.91 11.25 -34.43
CA GLY C 482 -3.15 11.91 -35.69
C GLY C 482 -4.59 11.82 -36.17
N PHE C 483 -4.77 11.56 -37.45
CA PHE C 483 -6.11 11.52 -38.04
C PHE C 483 -6.72 10.14 -37.81
N ASN C 484 -7.96 10.12 -37.32
CA ASN C 484 -8.70 8.91 -36.95
C ASN C 484 -8.00 8.10 -35.86
N CYS C 485 -7.02 8.68 -35.17
CA CYS C 485 -6.38 8.07 -34.01
C CYS C 485 -6.21 9.13 -32.95
N TYR C 486 -6.66 8.85 -31.75
CA TYR C 486 -6.66 9.85 -30.69
C TYR C 486 -6.10 9.28 -29.40
N PHE C 487 -5.49 10.16 -28.61
CA PHE C 487 -5.12 9.81 -27.24
C PHE C 487 -6.38 9.73 -26.40
N PRO C 488 -6.65 8.62 -25.71
CA PRO C 488 -7.94 8.44 -25.07
C PRO C 488 -8.14 9.23 -23.77
N LEU C 489 -7.19 10.04 -23.33
CA LEU C 489 -7.32 10.78 -22.08
C LEU C 489 -7.34 12.27 -22.38
N GLN C 490 -8.44 12.93 -22.03
CA GLN C 490 -8.55 14.37 -22.22
C GLN C 490 -8.83 15.02 -20.86
N SER C 491 -8.46 16.28 -20.73
CA SER C 491 -8.36 16.93 -19.42
C SER C 491 -9.59 17.78 -19.12
N TYR C 492 -10.02 17.72 -17.86
CA TYR C 492 -11.05 18.62 -17.34
C TYR C 492 -10.62 20.08 -17.34
N GLY C 493 -9.48 20.37 -16.72
CA GLY C 493 -9.00 21.74 -16.66
C GLY C 493 -9.97 22.70 -15.98
N PHE C 494 -10.17 22.53 -14.67
CA PHE C 494 -11.09 23.39 -13.94
C PHE C 494 -10.51 24.78 -13.74
N GLN C 495 -11.41 25.76 -13.65
CA GLN C 495 -11.07 27.10 -13.16
C GLN C 495 -12.19 27.56 -12.24
N PRO C 496 -11.87 28.38 -11.24
CA PRO C 496 -12.89 28.78 -10.27
C PRO C 496 -14.02 29.61 -10.88
N THR C 497 -13.82 30.20 -12.06
CA THR C 497 -14.84 31.03 -12.68
C THR C 497 -15.87 30.22 -13.44
N TYR C 498 -15.75 28.90 -13.47
CA TYR C 498 -16.75 28.07 -14.13
C TYR C 498 -18.04 28.05 -13.34
N GLY C 499 -19.08 27.48 -13.94
CA GLY C 499 -20.35 27.31 -13.25
C GLY C 499 -20.40 26.04 -12.42
N VAL C 500 -21.53 25.87 -11.73
CA VAL C 500 -21.72 24.65 -10.95
C VAL C 500 -21.82 23.44 -11.87
N GLY C 501 -22.31 23.64 -13.09
CA GLY C 501 -22.38 22.55 -14.05
C GLY C 501 -21.04 22.03 -14.52
N TYR C 502 -19.95 22.72 -14.17
CA TYR C 502 -18.61 22.31 -14.57
C TYR C 502 -17.60 22.30 -13.43
N GLN C 503 -17.99 22.67 -12.21
CA GLN C 503 -17.06 22.69 -11.10
C GLN C 503 -16.72 21.26 -10.66
N PRO C 504 -15.61 21.07 -9.94
CA PRO C 504 -15.18 19.72 -9.57
C PRO C 504 -15.85 19.23 -8.30
N TYR C 505 -16.41 18.02 -8.36
CA TYR C 505 -17.14 17.41 -7.25
C TYR C 505 -16.44 16.13 -6.82
N ARG C 506 -15.64 16.21 -5.77
CA ARG C 506 -14.99 15.01 -5.26
C ARG C 506 -16.04 13.98 -4.88
N VAL C 507 -15.74 12.71 -5.09
CA VAL C 507 -16.70 11.65 -4.84
C VAL C 507 -16.03 10.55 -4.01
N VAL C 508 -16.83 9.85 -3.20
CA VAL C 508 -16.41 8.64 -2.51
C VAL C 508 -17.54 7.65 -2.61
N VAL C 509 -17.22 6.38 -2.86
CA VAL C 509 -18.22 5.35 -3.12
C VAL C 509 -17.92 4.17 -2.21
N LEU C 510 -18.56 4.15 -1.04
CA LEU C 510 -18.37 3.02 -0.14
C LEU C 510 -19.04 1.78 -0.70
N SER C 511 -18.35 0.64 -0.62
CA SER C 511 -18.91 -0.65 -0.96
C SER C 511 -18.92 -1.54 0.28
N PHE C 512 -19.97 -2.33 0.41
CA PHE C 512 -20.12 -3.22 1.55
C PHE C 512 -20.04 -4.67 1.10
N GLU C 513 -19.61 -5.52 2.02
CA GLU C 513 -19.43 -6.96 1.78
C GLU C 513 -20.56 -7.57 0.96
N TYR D 28 7.75 -41.89 17.48
CA TYR D 28 7.59 -42.70 18.69
C TYR D 28 6.15 -42.62 19.19
N THR D 29 5.88 -43.29 20.31
CA THR D 29 4.57 -43.25 20.94
C THR D 29 4.75 -43.07 22.44
N ASN D 30 3.72 -42.53 23.09
CA ASN D 30 3.75 -42.26 24.52
C ASN D 30 2.32 -42.15 25.04
N SER D 31 2.20 -42.09 26.36
CA SER D 31 0.92 -41.92 27.04
C SER D 31 1.04 -40.80 28.06
N PHE D 32 -0.11 -40.32 28.52
CA PHE D 32 -0.16 -39.15 29.38
C PHE D 32 -1.38 -39.18 30.30
N THR D 33 -1.67 -38.04 30.93
CA THR D 33 -2.86 -37.89 31.76
C THR D 33 -3.50 -36.53 31.59
N ARG D 34 -3.01 -35.75 30.63
CA ARG D 34 -3.30 -34.32 30.55
C ARG D 34 -4.04 -34.00 29.26
N GLY D 35 -4.22 -32.71 29.01
CA GLY D 35 -4.94 -32.22 27.86
C GLY D 35 -6.24 -31.51 28.13
N VAL D 36 -6.49 -31.10 29.39
CA VAL D 36 -7.75 -30.49 29.78
C VAL D 36 -7.61 -28.98 29.71
N TYR D 37 -8.54 -28.34 29.01
CA TYR D 37 -8.63 -26.89 28.93
C TYR D 37 -10.02 -26.46 29.39
N TYR D 38 -10.21 -25.15 29.49
CA TYR D 38 -11.50 -24.65 29.91
C TYR D 38 -12.51 -24.83 28.78
N PRO D 39 -13.69 -25.38 29.05
CA PRO D 39 -14.51 -26.00 28.00
C PRO D 39 -15.06 -25.02 26.98
N ASP D 40 -14.19 -24.25 26.33
CA ASP D 40 -14.58 -23.34 25.24
C ASP D 40 -15.56 -22.28 25.72
N LYS D 41 -15.84 -22.25 27.02
CA LYS D 41 -16.78 -21.31 27.59
C LYS D 41 -16.21 -20.70 28.87
N VAL D 42 -16.45 -19.40 29.03
CA VAL D 42 -15.65 -18.55 29.90
C VAL D 42 -16.40 -18.28 31.20
N PHE D 43 -17.26 -19.20 31.58
CA PHE D 43 -18.03 -19.08 32.82
C PHE D 43 -17.11 -19.37 33.99
N ARG D 44 -17.41 -18.77 35.13
CA ARG D 44 -16.83 -19.25 36.38
C ARG D 44 -17.80 -20.22 37.04
N SER D 45 -17.25 -21.21 37.71
CA SER D 45 -18.01 -22.05 38.62
C SER D 45 -17.10 -22.45 39.78
N HIS D 49 -18.64 -29.88 37.04
CA HIS D 49 -19.45 -29.64 35.87
C HIS D 49 -19.13 -30.68 34.80
N SER D 50 -20.13 -30.98 33.98
CA SER D 50 -20.01 -31.97 32.92
C SER D 50 -20.14 -31.29 31.55
N THR D 51 -19.21 -31.59 30.65
CA THR D 51 -19.17 -30.97 29.33
C THR D 51 -19.01 -32.03 28.26
N GLN D 52 -19.78 -31.92 27.18
CA GLN D 52 -19.60 -32.75 26.00
C GLN D 52 -18.92 -31.92 24.92
N ASP D 53 -17.60 -31.85 24.99
CA ASP D 53 -16.80 -31.05 24.09
C ASP D 53 -15.70 -31.90 23.46
N LEU D 54 -14.85 -31.25 22.67
CA LEU D 54 -13.73 -31.91 22.01
C LEU D 54 -12.57 -31.95 23.00
N PHE D 55 -12.23 -33.14 23.48
CA PHE D 55 -11.21 -33.31 24.50
C PHE D 55 -10.21 -34.37 24.06
N LEU D 56 -9.17 -34.49 24.85
CA LEU D 56 -8.06 -35.42 24.63
C LEU D 56 -8.16 -36.57 25.63
N PRO D 57 -8.31 -37.81 25.16
CA PRO D 57 -8.43 -38.95 26.09
C PRO D 57 -7.22 -39.05 27.00
N PHE D 58 -7.47 -39.43 28.26
CA PHE D 58 -6.47 -39.30 29.31
C PHE D 58 -5.23 -40.13 29.02
N PHE D 59 -5.36 -41.46 29.03
CA PHE D 59 -4.26 -42.35 28.70
C PHE D 59 -4.42 -42.80 27.25
N SER D 60 -4.08 -41.88 26.34
CA SER D 60 -4.20 -42.10 24.91
C SER D 60 -2.83 -42.16 24.27
N ASN D 61 -2.81 -42.58 23.01
CA ASN D 61 -1.58 -42.69 22.25
C ASN D 61 -1.18 -41.32 21.70
N VAL D 62 -0.06 -40.80 22.20
CA VAL D 62 0.48 -39.53 21.72
C VAL D 62 1.80 -39.83 21.02
N THR D 63 2.08 -39.05 19.98
CA THR D 63 3.18 -39.33 19.05
C THR D 63 4.38 -38.46 19.40
N TRP D 64 5.35 -39.06 20.09
CA TRP D 64 6.65 -38.45 20.35
C TRP D 64 7.40 -38.27 19.04
N PHE D 65 7.81 -37.04 18.73
CA PHE D 65 8.51 -36.73 17.49
C PHE D 65 9.89 -36.16 17.76
N HIS D 66 10.78 -36.35 16.80
CA HIS D 66 12.10 -35.72 16.81
C HIS D 66 12.39 -35.10 15.45
N ASN D 81 9.92 -32.94 11.37
CA ASN D 81 8.87 -31.99 11.03
C ASN D 81 8.04 -32.45 9.83
N PRO D 82 7.20 -33.46 10.03
CA PRO D 82 6.32 -33.91 8.96
C PRO D 82 5.07 -33.04 8.91
N VAL D 83 4.26 -33.28 7.89
CA VAL D 83 2.99 -32.57 7.77
C VAL D 83 1.88 -33.45 8.32
N LEU D 84 1.58 -33.28 9.60
CA LEU D 84 0.59 -34.11 10.27
C LEU D 84 -0.81 -33.61 9.97
N PRO D 85 -1.81 -34.48 9.96
CA PRO D 85 -3.20 -34.03 9.81
C PRO D 85 -3.67 -33.29 11.05
N PHE D 86 -4.73 -32.49 10.86
CA PHE D 86 -5.33 -31.74 11.96
C PHE D 86 -6.48 -32.48 12.62
N ASN D 87 -7.22 -33.30 11.87
CA ASN D 87 -8.39 -34.02 12.37
C ASN D 87 -9.39 -32.99 12.87
N ASP D 88 -9.75 -33.00 14.16
CA ASP D 88 -10.61 -31.95 14.72
C ASP D 88 -9.88 -31.05 15.70
N GLY D 89 -8.73 -31.47 16.20
CA GLY D 89 -7.93 -30.66 17.10
C GLY D 89 -6.65 -31.39 17.42
N VAL D 90 -5.68 -30.65 17.91
CA VAL D 90 -4.37 -31.24 18.22
C VAL D 90 -3.93 -30.77 19.60
N TYR D 91 -3.22 -31.65 20.30
CA TYR D 91 -2.48 -31.29 21.49
C TYR D 91 -1.01 -31.20 21.15
N PHE D 92 -0.39 -30.06 21.44
CA PHE D 92 1.00 -29.83 21.13
C PHE D 92 1.76 -29.55 22.42
N ALA D 93 2.94 -30.15 22.56
CA ALA D 93 3.78 -29.92 23.72
C ALA D 93 5.23 -30.14 23.34
N SER D 94 6.12 -29.39 23.96
CA SER D 94 7.55 -29.50 23.70
C SER D 94 8.32 -28.98 24.90
N THR D 95 9.50 -29.55 25.13
CA THR D 95 10.35 -29.12 26.24
C THR D 95 11.60 -28.43 25.72
N ARG D 102 9.40 -22.90 16.66
CA ARG D 102 8.89 -21.71 17.34
C ARG D 102 7.68 -21.14 16.62
N GLY D 103 6.92 -22.00 15.96
CA GLY D 103 5.75 -21.54 15.24
C GLY D 103 4.99 -22.71 14.64
N TRP D 104 3.91 -22.38 13.96
CA TRP D 104 3.07 -23.39 13.32
C TRP D 104 2.52 -22.83 12.01
N ILE D 105 2.27 -23.74 11.07
CA ILE D 105 1.64 -23.42 9.81
C ILE D 105 0.47 -24.36 9.61
N PHE D 106 -0.73 -23.80 9.45
CA PHE D 106 -1.93 -24.61 9.31
C PHE D 106 -2.53 -24.35 7.93
N GLY D 107 -3.39 -25.26 7.49
CA GLY D 107 -4.07 -25.08 6.22
C GLY D 107 -4.61 -26.39 5.69
N THR D 108 -5.17 -26.31 4.47
CA THR D 108 -5.72 -27.47 3.79
C THR D 108 -4.73 -28.02 2.76
N THR D 109 -4.32 -27.18 1.82
CA THR D 109 -3.37 -27.58 0.78
C THR D 109 -2.00 -26.94 0.96
N LEU D 110 -1.89 -25.90 1.81
CA LEU D 110 -0.63 -25.21 2.06
C LEU D 110 -0.03 -24.67 0.77
N ASP D 111 -0.90 -24.22 -0.14
CA ASP D 111 -0.51 -23.69 -1.43
C ASP D 111 -1.21 -22.34 -1.63
N SER D 112 -0.97 -21.71 -2.78
CA SER D 112 -1.66 -20.47 -3.10
C SER D 112 -3.12 -20.69 -3.51
N LYS D 113 -3.53 -21.94 -3.74
CA LYS D 113 -4.92 -22.22 -4.07
C LYS D 113 -5.85 -21.91 -2.91
N THR D 114 -5.39 -22.13 -1.68
CA THR D 114 -6.19 -21.95 -0.48
C THR D 114 -5.45 -21.10 0.53
N GLN D 115 -6.20 -20.50 1.45
CA GLN D 115 -5.61 -19.71 2.52
C GLN D 115 -5.05 -20.61 3.61
N SER D 116 -3.95 -20.17 4.21
CA SER D 116 -3.26 -20.94 5.23
C SER D 116 -2.89 -20.05 6.41
N LEU D 117 -3.01 -20.62 7.61
CA LEU D 117 -2.70 -19.93 8.84
C LEU D 117 -1.21 -20.06 9.15
N LEU D 118 -0.62 -18.97 9.66
CA LEU D 118 0.81 -18.95 9.94
C LEU D 118 1.03 -18.22 11.26
N ILE D 119 1.71 -18.88 12.20
CA ILE D 119 2.04 -18.31 13.50
C ILE D 119 3.56 -18.37 13.66
N VAL D 120 4.15 -17.23 14.02
CA VAL D 120 5.58 -17.14 14.27
C VAL D 120 5.81 -16.39 15.57
N ASN D 121 6.77 -16.84 16.37
CA ASN D 121 7.09 -16.22 17.65
C ASN D 121 8.49 -15.61 17.57
N ASN D 122 8.55 -14.29 17.66
CA ASN D 122 9.83 -13.59 17.75
C ASN D 122 10.31 -13.65 19.19
N ALA D 123 11.45 -13.01 19.47
CA ALA D 123 11.89 -12.87 20.85
C ALA D 123 11.09 -11.82 21.61
N THR D 124 10.30 -11.01 20.90
CA THR D 124 9.54 -9.92 21.51
C THR D 124 8.07 -9.91 21.14
N ASN D 125 7.66 -10.66 20.13
CA ASN D 125 6.38 -10.44 19.48
C ASN D 125 5.93 -11.71 18.79
N VAL D 126 4.62 -11.91 18.73
CA VAL D 126 4.04 -13.02 17.97
C VAL D 126 3.23 -12.43 16.82
N VAL D 127 3.36 -13.06 15.66
CA VAL D 127 2.68 -12.60 14.45
C VAL D 127 1.82 -13.74 13.93
N ILE D 128 0.54 -13.47 13.71
CA ILE D 128 -0.39 -14.44 13.14
C ILE D 128 -0.97 -13.83 11.87
N LYS D 129 -0.74 -14.50 10.75
CA LYS D 129 -1.20 -14.04 9.46
C LYS D 129 -1.82 -15.21 8.71
N VAL D 130 -2.81 -14.95 7.88
CA VAL D 130 -3.43 -15.97 7.05
C VAL D 130 -3.44 -15.51 5.59
N CYS D 131 -2.33 -15.78 4.89
CA CYS D 131 -2.21 -15.40 3.50
C CYS D 131 -2.14 -16.67 2.66
N GLU D 132 -2.25 -16.52 1.35
CA GLU D 132 -2.13 -17.67 0.44
C GLU D 132 -0.65 -17.93 0.25
N PHE D 133 -0.06 -18.65 1.19
CA PHE D 133 1.39 -18.84 1.23
C PHE D 133 1.80 -19.93 0.25
N GLN D 134 2.95 -19.74 -0.39
CA GLN D 134 3.52 -20.74 -1.28
C GLN D 134 4.70 -21.45 -0.62
N TYR D 160 8.03 -18.44 3.05
CA TYR D 160 7.15 -18.47 1.86
C TYR D 160 7.83 -17.82 0.66
N SER D 161 7.28 -18.05 -0.54
CA SER D 161 7.85 -17.47 -1.77
C SER D 161 6.98 -16.28 -2.22
N SER D 162 5.67 -16.37 -2.01
CA SER D 162 4.75 -15.29 -2.47
C SER D 162 3.59 -15.12 -1.49
N ALA D 163 3.20 -13.89 -1.20
CA ALA D 163 2.06 -13.61 -0.30
C ALA D 163 1.02 -12.78 -1.06
N ASN D 164 -0.09 -13.38 -1.47
CA ASN D 164 -1.16 -12.56 -2.08
C ASN D 164 -2.38 -12.59 -1.15
N ASN D 165 -3.37 -11.70 -1.37
CA ASN D 165 -4.57 -11.61 -0.50
C ASN D 165 -4.18 -11.00 0.85
N CYS D 166 -3.68 -11.78 1.82
CA CYS D 166 -3.32 -11.30 3.18
C CYS D 166 -4.52 -10.59 3.84
N THR D 167 -5.45 -11.36 4.40
CA THR D 167 -6.68 -10.86 5.06
C THR D 167 -6.44 -10.44 6.51
N PHE D 168 -6.35 -11.38 7.46
CA PHE D 168 -6.25 -11.03 8.90
C PHE D 168 -4.80 -11.04 9.38
N GLU D 169 -4.42 -10.15 10.30
CA GLU D 169 -3.07 -10.11 10.87
C GLU D 169 -3.18 -9.76 12.34
N TYR D 170 -2.59 -10.57 13.20
CA TYR D 170 -2.66 -10.38 14.64
C TYR D 170 -1.24 -10.25 15.19
N VAL D 171 -1.04 -9.27 16.06
CA VAL D 171 0.28 -8.93 16.59
C VAL D 171 0.16 -8.69 18.09
N SER D 172 0.86 -9.49 18.88
CA SER D 172 0.86 -9.32 20.34
C SER D 172 2.07 -10.05 20.91
N GLN D 173 2.14 -10.11 22.24
CA GLN D 173 3.31 -10.67 22.90
C GLN D 173 3.47 -12.15 22.57
N PRO D 174 4.70 -12.66 22.53
CA PRO D 174 4.92 -14.05 22.10
C PRO D 174 4.33 -15.05 23.09
N PHE D 175 4.06 -16.24 22.57
CA PHE D 175 3.45 -17.30 23.36
C PHE D 175 4.45 -17.84 24.38
N LEU D 189 8.01 -26.84 30.54
CA LEU D 189 7.11 -27.45 29.57
C LEU D 189 6.14 -26.44 28.98
N ARG D 190 6.05 -26.43 27.65
CA ARG D 190 5.16 -25.54 26.91
C ARG D 190 4.18 -26.40 26.11
N GLU D 191 2.90 -26.30 26.44
CA GLU D 191 1.89 -27.16 25.84
C GLU D 191 0.72 -26.34 25.32
N PHE D 192 0.20 -26.73 24.16
CA PHE D 192 -0.80 -25.97 23.42
C PHE D 192 -1.90 -26.90 22.94
N VAL D 193 -3.11 -26.34 22.83
CA VAL D 193 -4.25 -27.03 22.21
C VAL D 193 -4.84 -26.10 21.16
N PHE D 194 -5.01 -26.62 19.94
CA PHE D 194 -5.55 -25.87 18.82
C PHE D 194 -6.82 -26.54 18.33
N LYS D 195 -7.90 -25.75 18.23
CA LYS D 195 -9.14 -26.23 17.63
C LYS D 195 -9.70 -25.13 16.74
N ASN D 196 -10.33 -25.56 15.64
CA ASN D 196 -10.86 -24.65 14.62
C ASN D 196 -12.33 -25.01 14.41
N ILE D 197 -13.23 -24.31 15.09
CA ILE D 197 -14.66 -24.58 15.04
C ILE D 197 -15.40 -23.28 14.73
N ASP D 198 -16.43 -23.40 13.89
CA ASP D 198 -17.33 -22.28 13.57
C ASP D 198 -16.58 -21.08 13.01
N GLY D 199 -15.54 -21.36 12.23
CA GLY D 199 -14.72 -20.30 11.67
C GLY D 199 -13.78 -19.63 12.64
N TYR D 200 -13.80 -20.02 13.91
CA TYR D 200 -12.91 -19.48 14.92
C TYR D 200 -11.77 -20.45 15.18
N PHE D 201 -10.59 -19.91 15.40
CA PHE D 201 -9.41 -20.69 15.72
C PHE D 201 -9.01 -20.39 17.16
N LYS D 202 -9.20 -21.35 18.05
CA LYS D 202 -9.04 -21.16 19.48
C LYS D 202 -7.74 -21.79 19.95
N ILE D 203 -7.06 -21.11 20.87
CA ILE D 203 -5.76 -21.55 21.37
C ILE D 203 -5.80 -21.57 22.89
N TYR D 204 -5.23 -22.62 23.48
CA TYR D 204 -5.05 -22.73 24.92
C TYR D 204 -3.62 -23.13 25.20
N SER D 205 -3.02 -22.54 26.23
CA SER D 205 -1.59 -22.69 26.45
C SER D 205 -1.27 -22.73 27.93
N LYS D 206 -0.09 -23.25 28.24
CA LYS D 206 0.45 -23.26 29.60
C LYS D 206 1.96 -23.53 29.56
N SER D 221 -2.67 -29.27 35.27
CA SER D 221 -2.93 -28.99 33.86
C SER D 221 -3.69 -27.68 33.70
N ALA D 222 -4.98 -27.78 33.36
CA ALA D 222 -5.87 -26.63 33.27
C ALA D 222 -5.36 -25.57 32.30
N LEU D 223 -5.32 -25.90 31.01
CA LEU D 223 -4.83 -24.99 29.99
C LEU D 223 -5.74 -23.77 29.91
N GLU D 224 -5.22 -22.62 30.31
CA GLU D 224 -6.00 -21.38 30.23
C GLU D 224 -6.14 -20.95 28.78
N PRO D 225 -7.26 -20.32 28.41
CA PRO D 225 -7.42 -19.85 27.02
C PRO D 225 -6.44 -18.75 26.69
N LEU D 226 -5.67 -18.97 25.62
CA LEU D 226 -4.71 -17.96 25.18
C LEU D 226 -5.41 -16.89 24.35
N VAL D 227 -5.97 -17.28 23.21
CA VAL D 227 -6.67 -16.36 22.32
C VAL D 227 -7.43 -17.16 21.28
N ASP D 228 -8.56 -16.62 20.84
CA ASP D 228 -9.30 -17.18 19.71
C ASP D 228 -9.35 -16.16 18.58
N LEU D 229 -9.31 -16.65 17.35
CA LEU D 229 -9.09 -15.79 16.20
C LEU D 229 -10.17 -16.04 15.15
N PRO D 230 -10.79 -14.98 14.62
CA PRO D 230 -11.80 -15.17 13.58
C PRO D 230 -11.19 -15.45 12.22
N ILE D 231 -10.45 -16.56 12.09
CA ILE D 231 -9.74 -16.85 10.85
C ILE D 231 -10.74 -17.17 9.74
N GLY D 232 -11.69 -18.06 10.03
CA GLY D 232 -12.72 -18.41 9.06
C GLY D 232 -12.24 -19.15 7.83
N ILE D 233 -11.34 -20.12 8.00
CA ILE D 233 -10.89 -20.96 6.90
C ILE D 233 -10.92 -22.41 7.37
N ASN D 234 -10.94 -23.32 6.40
CA ASN D 234 -10.86 -24.75 6.68
C ASN D 234 -9.43 -25.14 7.00
N ILE D 235 -9.25 -26.08 7.92
CA ILE D 235 -7.92 -26.49 8.36
C ILE D 235 -7.93 -28.02 8.49
N THR D 236 -7.03 -28.69 7.77
CA THR D 236 -7.01 -30.15 7.75
C THR D 236 -5.65 -30.76 8.05
N ARG D 237 -4.55 -30.09 7.69
CA ARG D 237 -3.20 -30.64 7.85
C ARG D 237 -2.30 -29.54 8.41
N PHE D 238 -1.26 -29.94 9.12
CA PHE D 238 -0.46 -28.94 9.83
C PHE D 238 1.00 -29.39 9.96
N GLN D 239 1.87 -28.41 10.22
CA GLN D 239 3.30 -28.62 10.30
C GLN D 239 3.89 -27.65 11.32
N THR D 240 4.93 -28.10 12.01
CA THR D 240 5.55 -27.29 13.06
C THR D 240 6.75 -26.52 12.50
N LEU D 241 6.71 -25.20 12.67
CA LEU D 241 7.79 -24.34 12.19
C LEU D 241 9.00 -24.43 13.11
N TYR D 262 8.76 -32.94 19.60
CA TYR D 262 7.53 -32.44 20.21
C TYR D 262 6.45 -33.51 20.23
N TYR D 263 5.50 -33.37 21.15
CA TYR D 263 4.40 -34.33 21.28
C TYR D 263 3.17 -33.80 20.56
N VAL D 264 2.52 -34.67 19.80
CA VAL D 264 1.33 -34.32 19.05
C VAL D 264 0.23 -35.33 19.34
N GLY D 265 -0.89 -34.84 19.88
CA GLY D 265 -2.06 -35.67 20.10
C GLY D 265 -3.25 -35.11 19.33
N TYR D 266 -4.36 -35.86 19.37
CA TYR D 266 -5.56 -35.54 18.62
C TYR D 266 -6.77 -35.55 19.54
N LEU D 267 -7.66 -34.57 19.33
CA LEU D 267 -8.81 -34.36 20.19
C LEU D 267 -9.98 -35.26 19.79
N GLN D 268 -10.78 -35.63 20.79
CA GLN D 268 -11.88 -36.56 20.62
C GLN D 268 -13.13 -35.99 21.27
N PRO D 269 -14.29 -36.14 20.62
CA PRO D 269 -15.54 -35.60 21.20
C PRO D 269 -16.14 -36.50 22.27
N ARG D 270 -15.68 -36.36 23.51
CA ARG D 270 -16.15 -37.19 24.60
C ARG D 270 -16.58 -36.34 25.78
N THR D 271 -17.47 -36.88 26.61
CA THR D 271 -17.97 -36.20 27.78
C THR D 271 -16.93 -36.19 28.90
N PHE D 272 -16.84 -35.07 29.62
CA PHE D 272 -15.89 -34.89 30.70
C PHE D 272 -16.60 -34.40 31.95
N LEU D 273 -15.95 -34.61 33.09
CA LEU D 273 -16.38 -34.05 34.36
C LEU D 273 -15.23 -33.25 34.94
N LEU D 274 -15.49 -32.00 35.31
CA LEU D 274 -14.44 -31.05 35.64
C LEU D 274 -14.69 -30.48 37.03
N LYS D 275 -13.69 -30.57 37.90
CA LYS D 275 -13.82 -30.08 39.28
C LYS D 275 -13.23 -28.69 39.39
N TYR D 276 -14.10 -27.68 39.46
CA TYR D 276 -13.65 -26.33 39.73
C TYR D 276 -13.35 -26.16 41.22
N ASN D 277 -12.45 -25.23 41.52
CA ASN D 277 -11.77 -25.20 42.81
C ASN D 277 -11.92 -23.82 43.45
N GLU D 278 -13.16 -23.35 43.54
CA GLU D 278 -13.61 -22.18 44.30
C GLU D 278 -13.02 -20.87 43.76
N ASN D 279 -12.13 -20.93 42.79
CA ASN D 279 -11.68 -19.75 42.06
C ASN D 279 -11.53 -20.10 40.58
N GLY D 280 -12.48 -20.83 40.04
CA GLY D 280 -12.31 -21.42 38.72
C GLY D 280 -11.27 -22.52 38.79
N THR D 281 -10.20 -22.40 38.01
CA THR D 281 -9.02 -23.25 38.15
C THR D 281 -9.36 -24.73 38.15
N ILE D 282 -9.80 -25.26 37.01
CA ILE D 282 -10.14 -26.69 36.89
C ILE D 282 -8.97 -27.51 37.42
N THR D 283 -9.21 -28.26 38.49
CA THR D 283 -8.14 -28.95 39.18
C THR D 283 -8.05 -30.41 38.77
N ASP D 284 -9.16 -31.13 38.86
CA ASP D 284 -9.22 -32.54 38.53
C ASP D 284 -10.25 -32.76 37.42
N ALA D 285 -10.08 -33.86 36.69
CA ALA D 285 -10.97 -34.18 35.58
C ALA D 285 -11.25 -35.68 35.61
N VAL D 286 -12.40 -36.05 35.04
CA VAL D 286 -12.83 -37.44 35.01
C VAL D 286 -13.34 -37.80 33.63
N ASP D 287 -12.74 -38.80 33.01
CA ASP D 287 -13.25 -39.33 31.75
C ASP D 287 -14.56 -40.06 32.00
#